data_6C27
#
_entry.id   6C27
#
_cell.length_a   74.011
_cell.length_b   96.791
_cell.length_c   168.882
_cell.angle_alpha   90.000
_cell.angle_beta   90.000
_cell.angle_gamma   90.000
#
_symmetry.space_group_name_H-M   'C 2 2 21'
#
loop_
_entity.id
_entity.type
_entity.pdbx_description
1 polymer 'SAM-III riboswitch'
2 non-polymer 'COBALT HEXAMMINE(III)'
#
_entity_poly.entity_id   1
_entity_poly.type   'polyribonucleotide'
_entity_poly.pdbx_seq_one_letter_code
;(GTP)GGACAAGUUCCCGAAAGGAUGGCGGAAACGCCAGAUGCCUUGUCCC
;
_entity_poly.pdbx_strand_id   A,B
#
loop_
_chem_comp.id
_chem_comp.type
_chem_comp.name
_chem_comp.formula
A RNA linking ADENOSINE-5'-MONOPHOSPHATE 'C10 H14 N5 O7 P'
C RNA linking CYTIDINE-5'-MONOPHOSPHATE 'C9 H14 N3 O8 P'
G RNA linking GUANOSINE-5'-MONOPHOSPHATE 'C10 H14 N5 O8 P'
GTP non-polymer GUANOSINE-5'-TRIPHOSPHATE 'C10 H16 N5 O14 P3'
NCO non-polymer 'COBALT HEXAMMINE(III)' 'Co H18 N6 3'
U RNA linking URIDINE-5'-MONOPHOSPHATE 'C9 H13 N2 O9 P'
#
# COMPACT_ATOMS: atom_id res chain seq x y z
PG GTP A 1 19.28 30.77 5.84
O1G GTP A 1 19.10 32.26 6.05
O2G GTP A 1 19.62 30.49 4.40
O3G GTP A 1 18.01 30.04 6.22
O3B GTP A 1 20.49 30.26 6.79
PB GTP A 1 20.31 30.19 8.38
O1B GTP A 1 21.50 30.77 9.10
O2B GTP A 1 20.09 28.75 8.78
O3A GTP A 1 18.98 31.04 8.68
PA GTP A 1 18.03 30.70 9.94
O1A GTP A 1 18.73 29.82 10.94
O2A GTP A 1 16.75 30.05 9.45
O5' GTP A 1 17.69 32.13 10.60
C5' GTP A 1 17.28 33.23 9.81
C4' GTP A 1 18.12 34.45 10.18
O4' GTP A 1 19.50 34.13 10.17
C3' GTP A 1 17.97 35.59 9.20
O3' GTP A 1 16.91 36.45 9.55
C2' GTP A 1 19.30 36.31 9.29
O2' GTP A 1 19.20 37.40 10.19
C1' GTP A 1 20.27 35.27 9.84
N9 GTP A 1 21.22 34.92 8.77
C8 GTP A 1 21.44 33.68 8.26
N7 GTP A 1 22.40 33.75 7.30
C5 GTP A 1 22.80 35.04 7.21
C6 GTP A 1 23.75 35.67 6.40
O6 GTP A 1 24.38 35.01 5.59
N1 GTP A 1 23.95 37.02 6.51
C2 GTP A 1 23.22 37.76 7.44
N2 GTP A 1 23.42 39.06 7.54
N3 GTP A 1 22.28 37.12 8.23
C4 GTP A 1 22.07 35.80 8.12
PG GTP B 1 -0.66 -37.28 7.11
O1G GTP B 1 -1.62 -36.52 7.99
O2G GTP B 1 -1.31 -38.57 6.66
O3G GTP B 1 -0.32 -36.44 5.91
O3B GTP B 1 0.68 -37.63 7.92
PB GTP B 1 1.98 -38.21 7.17
O1B GTP B 1 2.99 -37.10 7.01
O2B GTP B 1 2.57 -39.39 7.91
O3A GTP B 1 1.41 -38.65 5.73
PA GTP B 1 2.32 -38.61 4.41
O1A GTP B 1 1.92 -37.44 3.53
O2A GTP B 1 3.79 -38.54 4.76
O5' GTP B 1 1.98 -40.00 3.66
C5' GTP B 1 0.64 -40.41 3.53
C4' GTP B 1 0.49 -41.85 3.97
O4' GTP B 1 1.09 -42.08 5.24
C3' GTP B 1 -0.95 -42.29 4.15
O3' GTP B 1 -1.51 -42.78 2.95
C2' GTP B 1 -0.86 -43.39 5.18
O2' GTP B 1 -0.79 -44.64 4.55
C1' GTP B 1 0.44 -43.12 5.92
N9 GTP B 1 0.09 -42.72 7.30
C8 GTP B 1 0.47 -41.55 7.92
N7 GTP B 1 -0.03 -41.57 9.18
C5 GTP B 1 -0.71 -42.72 9.37
C6 GTP B 1 -1.40 -43.22 10.46
O6 GTP B 1 -1.48 -42.58 11.51
N1 GTP B 1 -2.00 -44.46 10.37
C2 GTP B 1 -1.92 -45.18 9.20
N2 GTP B 1 -2.51 -46.37 9.10
N3 GTP B 1 -1.23 -44.67 8.12
C4 GTP B 1 -0.63 -43.46 8.20
CO NCO C . -3.03 32.90 -5.00
N1 NCO C . -2.79 34.77 -4.39
N2 NCO C . -3.28 31.03 -5.62
N3 NCO C . -1.35 32.39 -4.09
N4 NCO C . -2.02 33.31 -6.65
N5 NCO C . -4.71 33.42 -5.92
N6 NCO C . -4.05 32.49 -3.35
CO NCO D . -14.75 19.75 -15.97
N1 NCO D . -14.71 21.18 -14.60
N2 NCO D . -14.78 18.32 -17.33
N3 NCO D . -13.03 19.04 -15.27
N4 NCO D . -13.75 20.92 -17.22
N5 NCO D . -16.45 20.46 -16.66
N6 NCO D . -15.73 18.58 -14.71
CO NCO E . -12.15 8.07 -17.48
N1 NCO E . -12.62 9.98 -17.54
N2 NCO E . -11.70 6.14 -17.43
N3 NCO E . -11.06 8.37 -15.86
N4 NCO E . -10.58 8.40 -18.63
N5 NCO E . -13.25 7.75 -19.10
N6 NCO E . -13.74 7.72 -16.34
CO NCO F . 14.64 33.70 2.58
N1 NCO F . 14.80 35.65 2.26
N2 NCO F . 14.49 31.76 2.90
N3 NCO F . 15.30 33.96 4.43
N4 NCO F . 16.50 33.45 1.95
N5 NCO F . 13.98 33.45 0.74
N6 NCO F . 12.78 33.96 3.21
CO NCO G . -18.21 -22.71 -19.14
N1 NCO G . -17.54 -21.09 -18.25
N2 NCO G . -18.90 -24.35 -20.03
N3 NCO G . -16.86 -23.80 -18.19
N4 NCO G . -16.94 -22.43 -20.63
N5 NCO G . -19.57 -21.63 -20.09
N6 NCO G . -19.49 -23.00 -17.66
CO NCO H . -28.24 -9.95 -5.78
N1 NCO H . -29.09 -8.36 -4.98
N2 NCO H . -27.37 -11.53 -6.58
N3 NCO H . -26.95 -10.02 -4.28
N4 NCO H . -26.99 -8.76 -6.78
N5 NCO H . -29.52 -9.88 -7.29
N6 NCO H . -29.46 -11.13 -4.78
CO NCO I . -23.78 -0.79 -0.39
N1 NCO I . -24.17 1.08 0.16
N2 NCO I . -23.40 -2.65 -0.94
N3 NCO I . -22.68 -1.04 1.23
N4 NCO I . -22.18 -0.16 -1.38
N5 NCO I . -24.89 -0.52 -2.01
N6 NCO I . -25.38 -1.40 0.59
CO NCO J . -7.47 -26.90 -7.50
N1 NCO J . -7.52 -25.45 -6.16
N2 NCO J . -7.43 -28.36 -8.84
N3 NCO J . -6.03 -27.79 -6.48
N4 NCO J . -6.12 -25.90 -8.54
N5 NCO J . -8.92 -26.01 -8.52
N6 NCO J . -8.83 -27.90 -6.45
#